data_5SZJ
#
_entry.id   5SZJ
#
_cell.length_a   153.680
_cell.length_b   61.870
_cell.length_c   55.570
_cell.angle_alpha   90.00
_cell.angle_beta   90.00
_cell.angle_gamma   90.00
#
_symmetry.space_group_name_H-M   'P 21 21 2'
#
loop_
_entity.id
_entity.type
_entity.pdbx_description
1 polymer 'Ras-related protein Rab-10'
2 polymer 'MICAL C-terminal-like protein'
3 non-polymer 'PHOSPHOAMINOPHOSPHONIC ACID-GUANYLATE ESTER'
4 non-polymer 'MAGNESIUM ION'
5 non-polymer DI(HYDROXYETHYL)ETHER
6 water water
#
loop_
_entity_poly.entity_id
_entity_poly.type
_entity_poly.pdbx_seq_one_letter_code
_entity_poly.pdbx_strand_id
1 'polypeptide(L)'
;GHMAKKTYDLLFKLLLIGDSGVGKTCVLFRFSDDAFNTTFISTIGIDFKIKTVELQGKKIKLQIWDTAGQERFHTITTSY
YRGAMGIMLVYDITNGKSFENISKWLRNIDEHANEDVERMLLGNKCDMDDKRVVPKGKGEQIAREHGIRFFETSAKANIN
IEKAFLTLAEDILRKTPVKEPNSENVDISSGGGVTGWKSKCC
;
A
2 'polypeptide(L)'
;GHMKQEELKRLYKAQAIQRQLEEVEERQRASEIQGVRLEKALRGEADSGTQDEAQLLQEWFKLVLEKNKLMRYESELLIM
AQELELEDHQSRLEQKLREKMLKEESQKDEKDLNEEQEVFTELMQVIEQRDKLVDSLEEQRIREKAEDQHFES
;
B
#
# COMPACT_ATOMS: atom_id res chain seq x y z
N MET A 3 8.99 -16.29 16.99
CA MET A 3 9.34 -15.89 15.63
C MET A 3 9.68 -14.40 15.59
N ALA A 4 10.69 -14.05 14.79
CA ALA A 4 11.25 -12.71 14.80
C ALA A 4 10.43 -11.69 14.00
N LYS A 5 9.84 -12.14 12.90
CA LYS A 5 9.02 -11.28 12.06
C LYS A 5 7.67 -11.02 12.73
N LYS A 6 7.46 -9.78 13.17
CA LYS A 6 6.25 -9.41 13.89
C LYS A 6 5.10 -9.09 12.95
N THR A 7 4.00 -8.60 13.52
CA THR A 7 2.81 -8.28 12.75
C THR A 7 2.37 -6.83 12.99
N TYR A 8 1.73 -6.23 11.99
CA TYR A 8 1.33 -4.84 12.09
C TYR A 8 0.19 -4.67 13.11
N ASP A 9 0.04 -3.45 13.62
CA ASP A 9 -0.93 -3.20 14.68
C ASP A 9 -2.11 -2.35 14.22
N LEU A 10 -1.93 -1.60 13.14
CA LEU A 10 -3.03 -0.81 12.55
C LEU A 10 -2.89 -0.65 11.04
N LEU A 11 -4.02 -0.49 10.37
CA LEU A 11 -4.06 -0.37 8.92
C LEU A 11 -4.64 0.98 8.49
N PHE A 12 -3.82 1.77 7.80
CA PHE A 12 -4.28 3.05 7.27
C PHE A 12 -4.38 3.00 5.76
N LYS A 13 -5.43 3.63 5.22
CA LYS A 13 -5.65 3.65 3.78
C LYS A 13 -5.50 5.06 3.22
N LEU A 14 -4.51 5.24 2.35
CA LEU A 14 -4.19 6.55 1.81
C LEU A 14 -4.53 6.65 0.31
N LEU A 15 -4.56 7.87 -0.19
CA LEU A 15 -4.90 8.12 -1.59
C LEU A 15 -4.05 9.24 -2.17
N LEU A 16 -3.55 9.05 -3.38
CA LEU A 16 -2.75 10.06 -4.08
C LEU A 16 -3.51 10.60 -5.28
N ILE A 17 -3.87 11.88 -5.26
CA ILE A 17 -4.59 12.47 -6.38
C ILE A 17 -3.82 13.64 -7.00
N GLY A 18 -3.99 13.84 -8.29
CA GLY A 18 -3.34 14.92 -9.01
C GLY A 18 -3.36 14.70 -10.51
N ASP A 19 -3.07 15.76 -11.26
CA ASP A 19 -3.07 15.71 -12.72
C ASP A 19 -2.05 14.71 -13.23
N SER A 20 -2.26 14.22 -14.45
CA SER A 20 -1.33 13.25 -15.04
C SER A 20 0.05 13.88 -15.24
N GLY A 21 1.07 13.25 -14.69
CA GLY A 21 2.44 13.70 -14.87
C GLY A 21 3.03 14.48 -13.71
N VAL A 22 2.26 14.65 -12.63
CA VAL A 22 2.75 15.38 -11.46
C VAL A 22 3.77 14.55 -10.68
N GLY A 23 3.78 13.24 -10.93
CA GLY A 23 4.74 12.36 -10.29
C GLY A 23 4.22 11.55 -9.10
N LYS A 24 2.91 11.31 -9.06
CA LYS A 24 2.29 10.56 -7.97
C LYS A 24 2.89 9.16 -7.80
N THR A 25 3.03 8.44 -8.91
CA THR A 25 3.60 7.09 -8.92
C THR A 25 5.05 7.08 -8.46
N CYS A 26 5.83 8.04 -8.94
CA CYS A 26 7.24 8.12 -8.59
C CYS A 26 7.42 8.46 -7.11
N VAL A 27 6.57 9.33 -6.58
CA VAL A 27 6.58 9.67 -5.17
C VAL A 27 6.40 8.42 -4.32
N LEU A 28 5.45 7.57 -4.72
CA LEU A 28 5.14 6.35 -4.02
C LEU A 28 6.25 5.31 -4.17
N PHE A 29 6.81 5.22 -5.37
CA PHE A 29 7.86 4.24 -5.66
C PHE A 29 9.14 4.57 -4.90
N ARG A 30 9.38 5.86 -4.68
CA ARG A 30 10.53 6.29 -3.87
C ARG A 30 10.29 5.93 -2.40
N PHE A 31 9.04 6.04 -1.97
CA PHE A 31 8.67 5.69 -0.60
C PHE A 31 8.68 4.18 -0.38
N SER A 32 8.42 3.42 -1.45
CA SER A 32 8.29 1.97 -1.34
C SER A 32 9.62 1.24 -1.59
N ASP A 33 10.28 1.58 -2.69
CA ASP A 33 11.47 0.84 -3.13
C ASP A 33 12.73 1.70 -3.12
N ASP A 34 12.58 2.96 -2.70
CA ASP A 34 13.70 3.90 -2.62
C ASP A 34 14.49 3.99 -3.93
N ALA A 35 13.77 4.16 -5.03
CA ALA A 35 14.40 4.29 -6.34
C ALA A 35 13.59 5.24 -7.22
N PHE A 36 14.17 5.62 -8.36
CA PHE A 36 13.50 6.55 -9.26
C PHE A 36 13.79 6.26 -10.72
N ASN A 37 12.74 6.12 -11.52
CA ASN A 37 12.87 5.95 -12.96
C ASN A 37 12.28 7.14 -13.71
N THR A 38 12.92 7.51 -14.82
CA THR A 38 12.56 8.74 -15.53
C THR A 38 11.48 8.52 -16.59
N THR A 39 11.28 7.27 -17.01
CA THR A 39 10.33 6.97 -18.08
C THR A 39 8.89 7.17 -17.60
N PHE A 40 8.16 8.02 -18.30
CA PHE A 40 6.77 8.27 -17.96
C PHE A 40 5.89 7.10 -18.40
N ILE A 41 5.45 6.32 -17.43
CA ILE A 41 4.50 5.24 -17.68
C ILE A 41 3.21 5.56 -16.93
N SER A 42 2.24 6.12 -17.66
CA SER A 42 1.02 6.64 -17.04
C SER A 42 0.20 5.52 -16.41
N THR A 43 -0.40 5.81 -15.26
CA THR A 43 -1.16 4.82 -14.52
C THR A 43 -2.47 4.46 -15.24
N ILE A 44 -2.81 3.18 -15.22
CA ILE A 44 -4.05 2.70 -15.82
C ILE A 44 -5.05 2.29 -14.75
N GLY A 45 -6.23 2.90 -14.78
CA GLY A 45 -7.23 2.66 -13.76
C GLY A 45 -6.73 3.12 -12.40
N ILE A 46 -6.53 2.18 -11.49
CA ILE A 46 -6.02 2.48 -10.16
C ILE A 46 -5.06 1.38 -9.71
N ASP A 47 -4.16 1.70 -8.80
CA ASP A 47 -3.22 0.72 -8.27
C ASP A 47 -2.91 1.07 -6.81
N PHE A 48 -2.34 0.13 -6.06
CA PHE A 48 -1.93 0.43 -4.71
C PHE A 48 -0.67 -0.35 -4.31
N LYS A 49 0.03 0.17 -3.31
CA LYS A 49 1.25 -0.44 -2.81
C LYS A 49 1.17 -0.60 -1.29
N ILE A 50 1.98 -1.50 -0.75
CA ILE A 50 2.01 -1.71 0.68
C ILE A 50 3.34 -1.26 1.28
N LYS A 51 3.24 -0.40 2.30
CA LYS A 51 4.41 0.03 3.05
C LYS A 51 4.08 0.05 4.53
N THR A 52 4.79 -0.76 5.31
CA THR A 52 4.57 -0.79 6.75
C THR A 52 5.68 -0.02 7.44
N VAL A 53 5.29 0.89 8.34
CA VAL A 53 6.25 1.76 8.99
C VAL A 53 5.93 1.91 10.48
N GLU A 54 6.95 2.19 11.28
CA GLU A 54 6.82 2.22 12.73
C GLU A 54 6.73 3.64 13.29
N LEU A 55 5.61 3.94 13.94
CA LEU A 55 5.39 5.25 14.54
C LEU A 55 4.78 5.11 15.94
N GLN A 56 5.30 5.89 16.89
CA GLN A 56 4.88 5.87 18.28
C GLN A 56 5.00 4.48 18.91
N GLY A 57 5.97 3.70 18.45
CA GLY A 57 6.21 2.37 18.99
C GLY A 57 5.27 1.32 18.44
N LYS A 58 4.32 1.73 17.63
CA LYS A 58 3.35 0.81 17.05
C LYS A 58 3.43 0.79 15.53
N LYS A 59 3.71 -0.40 14.99
CA LYS A 59 3.73 -0.64 13.55
C LYS A 59 2.44 -0.20 12.87
N ILE A 60 2.57 0.46 11.71
CA ILE A 60 1.39 0.84 10.94
C ILE A 60 1.52 0.46 9.46
N LYS A 61 0.58 -0.34 8.99
CA LYS A 61 0.53 -0.77 7.60
C LYS A 61 -0.18 0.27 6.73
N LEU A 62 0.54 0.79 5.74
CA LEU A 62 -0.03 1.79 4.85
C LEU A 62 -0.44 1.17 3.52
N GLN A 63 -1.75 1.22 3.24
CA GLN A 63 -2.25 0.81 1.94
C GLN A 63 -2.48 2.04 1.08
N ILE A 64 -1.49 2.35 0.23
CA ILE A 64 -1.48 3.59 -0.51
C ILE A 64 -1.96 3.41 -1.95
N TRP A 65 -3.17 3.90 -2.23
CA TRP A 65 -3.75 3.81 -3.57
C TRP A 65 -3.23 4.89 -4.50
N ASP A 66 -2.79 4.48 -5.69
CA ASP A 66 -2.23 5.40 -6.67
C ASP A 66 -3.22 5.63 -7.82
N THR A 67 -3.51 6.89 -8.08
CA THR A 67 -4.58 7.27 -9.00
C THR A 67 -4.07 7.65 -10.39
N ALA A 68 -4.83 7.27 -11.43
CA ALA A 68 -4.54 7.71 -12.78
C ALA A 68 -5.01 9.15 -12.97
N GLY A 69 -4.10 10.03 -13.38
CA GLY A 69 -4.38 11.44 -13.50
C GLY A 69 -5.22 11.82 -14.72
N GLN A 70 -5.11 11.02 -15.77
CA GLN A 70 -5.86 11.25 -17.01
C GLN A 70 -7.36 11.23 -16.73
N GLU A 71 -8.07 12.20 -17.29
CA GLU A 71 -9.48 12.42 -16.95
C GLU A 71 -10.40 11.30 -17.42
N ARG A 72 -9.88 10.39 -18.24
CA ARG A 72 -10.67 9.25 -18.68
C ARG A 72 -10.89 8.26 -17.55
N PHE A 73 -10.03 8.30 -16.54
CA PHE A 73 -10.14 7.40 -15.40
C PHE A 73 -10.66 8.12 -14.15
N HIS A 74 -10.96 9.40 -14.28
CA HIS A 74 -11.35 10.22 -13.13
C HIS A 74 -12.57 9.66 -12.40
N THR A 75 -13.49 9.11 -13.18
CA THR A 75 -14.70 8.53 -12.61
C THR A 75 -14.40 7.31 -11.72
N ILE A 76 -13.29 6.62 -12.00
CA ILE A 76 -12.87 5.50 -11.15
C ILE A 76 -12.37 5.97 -9.80
N THR A 77 -11.53 6.99 -9.82
CA THR A 77 -10.88 7.51 -8.61
C THR A 77 -11.91 8.00 -7.61
N THR A 78 -12.98 8.60 -8.12
CA THR A 78 -14.06 9.10 -7.29
C THR A 78 -14.65 8.00 -6.39
N SER A 79 -14.48 6.75 -6.80
CA SER A 79 -15.01 5.63 -6.04
C SER A 79 -14.25 5.44 -4.73
N TYR A 80 -13.00 5.89 -4.72
CA TYR A 80 -12.07 5.54 -3.65
C TYR A 80 -11.88 6.65 -2.61
N TYR A 81 -12.54 7.78 -2.82
CA TYR A 81 -12.46 8.91 -1.89
C TYR A 81 -13.05 8.54 -0.53
N ARG A 82 -14.19 7.85 -0.55
CA ARG A 82 -14.96 7.57 0.66
C ARG A 82 -14.19 6.73 1.67
N GLY A 83 -13.45 5.74 1.19
CA GLY A 83 -12.72 4.84 2.06
C GLY A 83 -11.37 5.38 2.52
N ALA A 84 -10.92 6.46 1.92
CA ALA A 84 -9.60 7.03 2.24
C ALA A 84 -9.59 7.67 3.61
N MET A 85 -8.47 7.49 4.33
CA MET A 85 -8.28 8.08 5.64
C MET A 85 -7.31 9.26 5.55
N GLY A 86 -6.51 9.27 4.49
CA GLY A 86 -5.58 10.34 4.22
C GLY A 86 -5.44 10.52 2.72
N ILE A 87 -5.37 11.77 2.26
CA ILE A 87 -5.33 12.06 0.84
C ILE A 87 -4.18 13.01 0.47
N MET A 88 -3.40 12.62 -0.53
CA MET A 88 -2.30 13.43 -1.04
C MET A 88 -2.69 14.18 -2.31
N LEU A 89 -2.71 15.51 -2.24
CA LEU A 89 -2.91 16.33 -3.42
C LEU A 89 -1.57 16.72 -4.03
N VAL A 90 -1.26 16.14 -5.18
CA VAL A 90 0.06 16.34 -5.79
C VAL A 90 0.00 17.20 -7.05
N TYR A 91 0.77 18.29 -7.05
CA TYR A 91 0.90 19.12 -8.24
C TYR A 91 2.36 19.24 -8.65
N ASP A 92 2.59 19.87 -9.79
CA ASP A 92 3.95 20.02 -10.33
C ASP A 92 4.38 21.49 -10.25
N ILE A 93 5.50 21.76 -9.60
CA ILE A 93 5.99 23.12 -9.48
C ILE A 93 6.49 23.65 -10.82
N THR A 94 6.73 22.73 -11.76
CA THR A 94 7.18 23.13 -13.09
C THR A 94 5.99 23.27 -14.03
N ASN A 95 4.80 22.94 -13.55
CA ASN A 95 3.59 23.02 -14.36
C ASN A 95 2.49 23.86 -13.69
N GLY A 96 2.32 25.08 -14.18
CA GLY A 96 1.36 26.01 -13.62
C GLY A 96 -0.07 25.50 -13.64
N LYS A 97 -0.42 24.78 -14.70
CA LYS A 97 -1.78 24.27 -14.85
C LYS A 97 -2.13 23.25 -13.77
N SER A 98 -1.13 22.47 -13.34
CA SER A 98 -1.36 21.46 -12.33
C SER A 98 -1.64 22.09 -10.96
N PHE A 99 -1.22 23.35 -10.79
CA PHE A 99 -1.42 24.03 -9.52
C PHE A 99 -2.78 24.73 -9.45
N GLU A 100 -3.28 25.24 -10.57
CA GLU A 100 -4.58 25.91 -10.57
C GLU A 100 -5.71 24.90 -10.42
N ASN A 101 -5.46 23.65 -10.82
CA ASN A 101 -6.45 22.59 -10.69
C ASN A 101 -6.55 22.05 -9.28
N ILE A 102 -5.72 22.56 -8.38
CA ILE A 102 -5.72 22.12 -6.98
C ILE A 102 -7.07 22.42 -6.31
N SER A 103 -7.61 23.60 -6.60
CA SER A 103 -8.92 23.99 -6.05
C SER A 103 -10.02 23.04 -6.49
N LYS A 104 -9.93 22.58 -7.74
CA LYS A 104 -10.91 21.65 -8.29
C LYS A 104 -10.79 20.29 -7.61
N TRP A 105 -9.57 19.83 -7.40
CA TRP A 105 -9.31 18.55 -6.71
C TRP A 105 -9.83 18.58 -5.28
N LEU A 106 -9.65 19.71 -4.62
CA LEU A 106 -10.08 19.88 -3.24
C LEU A 106 -11.59 19.71 -3.07
N ARG A 107 -12.37 20.20 -4.04
CA ARG A 107 -13.82 20.10 -3.90
C ARG A 107 -14.33 18.77 -4.42
N ASN A 108 -13.44 17.95 -4.96
CA ASN A 108 -13.76 16.55 -5.18
C ASN A 108 -13.59 15.79 -3.88
N ILE A 109 -12.70 16.29 -3.03
CA ILE A 109 -12.46 15.68 -1.72
C ILE A 109 -13.63 15.92 -0.79
N ASP A 110 -13.99 17.18 -0.57
CA ASP A 110 -15.06 17.55 0.34
C ASP A 110 -16.41 17.00 -0.12
N GLU A 111 -16.51 16.71 -1.41
CA GLU A 111 -17.74 16.21 -2.01
C GLU A 111 -17.96 14.73 -1.72
N HIS A 112 -16.88 13.94 -1.78
CA HIS A 112 -16.97 12.50 -1.62
C HIS A 112 -16.44 11.99 -0.28
N ALA A 113 -15.19 12.34 0.02
CA ALA A 113 -14.48 11.80 1.18
C ALA A 113 -15.17 12.07 2.50
N ASN A 114 -14.83 11.28 3.51
CA ASN A 114 -15.36 11.42 4.86
C ASN A 114 -15.05 12.79 5.45
N GLU A 115 -15.79 13.19 6.48
CA GLU A 115 -15.64 14.50 7.09
C GLU A 115 -14.29 14.66 7.79
N ASP A 116 -13.82 13.61 8.44
CA ASP A 116 -12.60 13.67 9.24
C ASP A 116 -11.34 13.36 8.43
N VAL A 117 -11.48 13.32 7.10
CA VAL A 117 -10.36 12.94 6.24
C VAL A 117 -9.21 13.93 6.33
N GLU A 118 -7.99 13.39 6.35
CA GLU A 118 -6.78 14.22 6.41
C GLU A 118 -6.26 14.52 5.01
N ARG A 119 -6.23 15.81 4.67
CA ARG A 119 -5.73 16.24 3.37
C ARG A 119 -4.30 16.76 3.49
N MET A 120 -3.53 16.64 2.42
CA MET A 120 -2.16 17.16 2.40
C MET A 120 -1.74 17.53 0.98
N LEU A 121 -1.10 18.69 0.85
CA LEU A 121 -0.68 19.16 -0.47
C LEU A 121 0.80 18.91 -0.72
N LEU A 122 1.09 18.31 -1.86
CA LEU A 122 2.47 18.00 -2.24
C LEU A 122 2.88 18.72 -3.53
N GLY A 123 3.91 19.55 -3.43
CA GLY A 123 4.50 20.17 -4.60
C GLY A 123 5.72 19.38 -5.05
N ASN A 124 5.51 18.49 -6.01
CA ASN A 124 6.58 17.59 -6.46
C ASN A 124 7.53 18.26 -7.45
N LYS A 125 8.61 17.55 -7.77
CA LYS A 125 9.63 18.01 -8.70
C LYS A 125 10.27 19.33 -8.26
N CYS A 126 10.51 19.46 -6.95
CA CYS A 126 11.11 20.67 -6.40
C CYS A 126 12.61 20.71 -6.71
N ASP A 127 13.12 19.63 -7.28
CA ASP A 127 14.54 19.54 -7.64
C ASP A 127 14.85 20.32 -8.92
N MET A 128 13.82 20.67 -9.68
CA MET A 128 14.00 21.38 -10.93
C MET A 128 13.88 22.90 -10.75
N ASP A 129 14.99 23.51 -10.34
CA ASP A 129 15.04 24.96 -10.10
C ASP A 129 14.84 25.75 -11.39
N ASP A 130 15.49 25.29 -12.46
CA ASP A 130 15.49 26.00 -13.73
C ASP A 130 14.13 25.99 -14.43
N LYS A 131 13.24 25.11 -13.98
CA LYS A 131 11.92 24.99 -14.60
C LYS A 131 10.79 25.32 -13.63
N ARG A 132 11.14 25.84 -12.45
CA ARG A 132 10.14 26.18 -11.44
C ARG A 132 9.19 27.27 -11.93
N VAL A 133 7.89 27.00 -11.82
CA VAL A 133 6.85 27.95 -12.24
C VAL A 133 6.02 28.37 -11.03
N VAL A 134 5.79 27.44 -10.11
CA VAL A 134 5.01 27.72 -8.92
C VAL A 134 5.91 28.03 -7.73
N PRO A 135 5.83 29.27 -7.22
CA PRO A 135 6.62 29.66 -6.05
C PRO A 135 6.20 28.87 -4.82
N LYS A 136 7.17 28.51 -3.97
CA LYS A 136 6.88 27.72 -2.78
C LYS A 136 5.91 28.46 -1.85
N GLY A 137 6.05 29.77 -1.79
CA GLY A 137 5.17 30.61 -0.98
C GLY A 137 3.71 30.47 -1.37
N LYS A 138 3.45 30.34 -2.67
CA LYS A 138 2.08 30.16 -3.15
C LYS A 138 1.52 28.81 -2.76
N GLY A 139 2.40 27.82 -2.62
CA GLY A 139 2.00 26.49 -2.19
C GLY A 139 1.55 26.49 -0.74
N GLU A 140 2.24 27.23 0.11
CA GLU A 140 1.88 27.31 1.52
C GLU A 140 0.68 28.21 1.75
N GLN A 141 0.53 29.23 0.90
CA GLN A 141 -0.57 30.16 1.02
C GLN A 141 -1.90 29.41 0.99
N ILE A 142 -2.16 28.74 -0.12
CA ILE A 142 -3.45 28.06 -0.30
C ILE A 142 -3.62 26.85 0.63
N ALA A 143 -2.53 26.28 1.10
CA ALA A 143 -2.62 25.19 2.06
C ALA A 143 -3.07 25.73 3.42
N ARG A 144 -2.59 26.93 3.73
CA ARG A 144 -2.95 27.61 4.98
C ARG A 144 -4.42 28.04 4.99
N GLU A 145 -4.94 28.47 3.84
CA GLU A 145 -6.35 28.85 3.73
C GLU A 145 -7.29 27.66 3.91
N HIS A 146 -6.76 26.46 3.73
CA HIS A 146 -7.55 25.25 3.94
C HIS A 146 -7.10 24.51 5.20
N GLY A 147 -6.08 25.06 5.88
CA GLY A 147 -5.61 24.52 7.13
C GLY A 147 -4.99 23.14 7.03
N ILE A 148 -4.55 22.76 5.84
CA ILE A 148 -3.91 21.48 5.62
C ILE A 148 -2.40 21.64 5.58
N ARG A 149 -1.68 20.52 5.61
CA ARG A 149 -0.22 20.54 5.58
C ARG A 149 0.29 20.62 4.15
N PHE A 150 1.53 21.09 3.99
CA PHE A 150 2.13 21.25 2.67
C PHE A 150 3.61 20.91 2.66
N PHE A 151 4.03 20.18 1.63
CA PHE A 151 5.43 19.83 1.45
C PHE A 151 5.84 19.96 0.00
N GLU A 152 7.00 20.56 -0.25
CA GLU A 152 7.61 20.52 -1.56
C GLU A 152 8.51 19.28 -1.63
N THR A 153 8.10 18.32 -2.45
CA THR A 153 8.78 17.03 -2.49
C THR A 153 9.56 16.85 -3.79
N SER A 154 10.37 15.80 -3.81
CA SER A 154 11.12 15.42 -4.99
C SER A 154 11.33 13.92 -5.02
N ALA A 155 10.66 13.23 -5.94
CA ALA A 155 10.81 11.80 -6.08
C ALA A 155 12.18 11.44 -6.64
N LYS A 156 12.81 12.41 -7.32
CA LYS A 156 14.11 12.20 -7.94
C LYS A 156 15.25 12.36 -6.94
N ALA A 157 15.18 13.41 -6.13
CA ALA A 157 16.25 13.74 -5.18
C ALA A 157 15.92 13.25 -3.77
N ASN A 158 14.79 12.55 -3.66
CA ASN A 158 14.31 12.01 -2.39
C ASN A 158 14.19 13.09 -1.33
N ILE A 159 13.40 14.11 -1.62
CA ILE A 159 13.18 15.22 -0.70
C ILE A 159 11.77 15.20 -0.14
N ASN A 160 11.68 15.19 1.19
CA ASN A 160 10.41 15.26 1.91
C ASN A 160 9.38 14.22 1.50
N ILE A 161 9.84 13.03 1.12
CA ILE A 161 8.91 11.98 0.75
C ILE A 161 8.59 11.08 1.94
N GLU A 162 9.64 10.59 2.60
CA GLU A 162 9.47 9.82 3.81
C GLU A 162 8.75 10.67 4.85
N LYS A 163 9.18 11.92 4.97
CA LYS A 163 8.59 12.86 5.92
C LYS A 163 7.11 13.12 5.63
N ALA A 164 6.77 13.21 4.35
CA ALA A 164 5.40 13.50 3.93
C ALA A 164 4.43 12.40 4.34
N PHE A 165 4.75 11.16 3.98
CA PHE A 165 3.89 10.03 4.31
C PHE A 165 3.78 9.81 5.82
N LEU A 166 4.90 9.93 6.51
CA LEU A 166 4.93 9.74 7.96
C LEU A 166 4.11 10.78 8.70
N THR A 167 4.15 12.02 8.22
CA THR A 167 3.39 13.11 8.85
C THR A 167 1.89 12.91 8.66
N LEU A 168 1.49 12.44 7.48
CA LEU A 168 0.08 12.17 7.21
C LEU A 168 -0.44 11.05 8.11
N ALA A 169 0.40 10.06 8.37
CA ALA A 169 0.02 8.92 9.21
C ALA A 169 -0.10 9.34 10.68
N GLU A 170 0.86 10.12 11.16
CA GLU A 170 0.82 10.62 12.53
C GLU A 170 -0.37 11.55 12.76
N ASP A 171 -0.79 12.22 11.70
CA ASP A 171 -2.00 13.04 11.75
C ASP A 171 -3.23 12.16 11.94
N ILE A 172 -3.28 11.06 11.20
CA ILE A 172 -4.39 10.13 11.28
C ILE A 172 -4.42 9.42 12.63
N LEU A 173 -3.25 9.02 13.11
CA LEU A 173 -3.12 8.30 14.37
C LEU A 173 -3.60 9.11 15.57
N ARG A 174 -3.34 10.42 15.54
CA ARG A 174 -3.70 11.31 16.64
C ARG A 174 -5.21 11.55 16.76
N LYS A 175 -5.94 11.29 15.68
CA LYS A 175 -7.36 11.66 15.62
C LYS A 175 -8.32 10.49 15.84
N THR A 176 -7.80 9.32 16.21
CA THR A 176 -8.64 8.11 16.33
C THR A 176 -9.43 7.91 17.64
N PRO A 177 -8.87 8.31 18.79
CA PRO A 177 -9.70 8.29 20.00
C PRO A 177 -10.99 9.07 19.85
N GLY B 1 13.13 -14.41 -22.97
CA GLY B 1 14.26 -13.57 -22.62
C GLY B 1 14.63 -13.69 -21.16
N HIS B 2 15.77 -13.10 -20.79
CA HIS B 2 16.25 -13.13 -19.41
C HIS B 2 15.25 -12.45 -18.48
N MET B 3 15.22 -12.90 -17.23
CA MET B 3 14.27 -12.38 -16.25
C MET B 3 14.55 -10.92 -15.89
N LYS B 4 13.49 -10.13 -15.80
CA LYS B 4 13.60 -8.71 -15.48
C LYS B 4 13.74 -8.50 -13.97
N GLN B 5 14.16 -7.29 -13.59
CA GLN B 5 14.44 -6.96 -12.20
C GLN B 5 13.21 -7.08 -11.30
N GLU B 6 12.10 -6.49 -11.73
CA GLU B 6 10.89 -6.45 -10.92
C GLU B 6 10.33 -7.85 -10.67
N GLU B 7 10.53 -8.75 -11.63
CA GLU B 7 10.12 -10.14 -11.45
C GLU B 7 11.04 -10.86 -10.48
N LEU B 8 12.33 -10.57 -10.58
CA LEU B 8 13.34 -11.14 -9.69
C LEU B 8 13.08 -10.78 -8.23
N LYS B 9 12.70 -9.52 -7.99
CA LYS B 9 12.36 -9.07 -6.63
C LYS B 9 11.18 -9.86 -6.06
N ARG B 10 10.17 -10.09 -6.90
CA ARG B 10 8.98 -10.82 -6.50
C ARG B 10 9.34 -12.27 -6.17
N LEU B 11 10.28 -12.79 -6.95
CA LEU B 11 10.79 -14.15 -6.81
C LEU B 11 11.43 -14.38 -5.45
N TYR B 12 12.29 -13.46 -5.03
CA TYR B 12 13.00 -13.63 -3.78
C TYR B 12 12.05 -13.53 -2.59
N LYS B 13 11.01 -12.73 -2.72
CA LYS B 13 9.99 -12.62 -1.69
C LYS B 13 9.29 -13.96 -1.49
N ALA B 14 8.87 -14.55 -2.61
CA ALA B 14 8.14 -15.82 -2.59
C ALA B 14 8.96 -16.91 -1.95
N GLN B 15 10.20 -17.03 -2.39
CA GLN B 15 11.14 -18.00 -1.84
C GLN B 15 11.35 -17.78 -0.34
N ALA B 16 11.49 -16.51 0.06
CA ALA B 16 11.71 -16.16 1.45
C ALA B 16 10.49 -16.52 2.31
N ILE B 17 9.31 -16.35 1.75
CA ILE B 17 8.07 -16.68 2.44
C ILE B 17 7.98 -18.18 2.67
N GLN B 18 8.37 -18.97 1.67
CA GLN B 18 8.37 -20.42 1.80
C GLN B 18 9.36 -20.91 2.86
N ARG B 19 10.52 -20.28 2.95
CA ARG B 19 11.50 -20.63 3.99
C ARG B 19 10.92 -20.35 5.37
N GLN B 20 10.36 -19.16 5.54
CA GLN B 20 9.71 -18.76 6.78
C GLN B 20 8.59 -19.74 7.12
N LEU B 21 7.81 -20.11 6.11
CA LEU B 21 6.71 -21.06 6.28
C LEU B 21 7.21 -22.41 6.78
N GLU B 22 8.27 -22.91 6.18
CA GLU B 22 8.84 -24.20 6.56
C GLU B 22 9.38 -24.18 7.99
N GLU B 23 9.94 -23.03 8.39
CA GLU B 23 10.38 -22.85 9.77
C GLU B 23 9.21 -22.88 10.74
N VAL B 24 8.08 -22.30 10.33
CA VAL B 24 6.86 -22.33 11.11
C VAL B 24 6.38 -23.77 11.29
N GLU B 25 6.36 -24.52 10.19
CA GLU B 25 5.85 -25.88 10.21
C GLU B 25 6.67 -26.78 11.12
N GLU B 26 8.00 -26.68 11.04
CA GLU B 26 8.89 -27.49 11.87
C GLU B 26 8.79 -27.07 13.33
N ARG B 27 8.67 -25.76 13.57
CA ARG B 27 8.42 -25.27 14.92
C ARG B 27 7.09 -25.80 15.45
N GLN B 28 6.08 -25.84 14.60
CA GLN B 28 4.78 -26.36 14.97
C GLN B 28 4.87 -27.83 15.37
N ARG B 29 5.76 -28.57 14.71
CA ARG B 29 5.97 -29.97 15.02
C ARG B 29 6.74 -30.14 16.32
N ALA B 30 7.91 -29.51 16.39
CA ALA B 30 8.78 -29.58 17.56
C ALA B 30 8.01 -29.28 18.85
N SER B 31 7.03 -28.39 18.73
CA SER B 31 6.16 -28.05 19.85
C SER B 31 5.08 -29.09 20.08
N GLU B 32 4.67 -29.77 19.02
CA GLU B 32 3.68 -30.83 19.12
C GLU B 32 4.27 -32.02 19.88
N ILE B 33 5.48 -32.43 19.48
CA ILE B 33 6.18 -33.54 20.14
C ILE B 33 6.52 -33.20 21.58
N GLN B 34 6.90 -31.96 21.83
CA GLN B 34 7.24 -31.53 23.17
C GLN B 34 5.97 -31.49 24.01
N GLY B 35 4.87 -31.09 23.37
CA GLY B 35 3.57 -31.09 24.03
C GLY B 35 3.15 -32.46 24.54
N VAL B 36 3.51 -33.52 23.83
CA VAL B 36 3.11 -34.85 24.28
C VAL B 36 3.99 -35.24 25.47
N ARG B 37 5.21 -34.70 25.51
CA ARG B 37 6.19 -35.04 26.55
C ARG B 37 5.81 -34.43 27.90
N LEU B 38 5.20 -33.24 27.86
CA LEU B 38 4.72 -32.59 29.07
C LEU B 38 3.43 -33.24 29.57
N GLU B 39 2.57 -33.64 28.63
CA GLU B 39 1.31 -34.30 28.98
C GLU B 39 1.56 -35.64 29.68
N LYS B 40 2.55 -36.38 29.20
CA LYS B 40 2.88 -37.68 29.75
C LYS B 40 3.51 -37.57 31.13
N ALA B 41 4.30 -36.51 31.33
CA ALA B 41 5.00 -36.28 32.59
C ALA B 41 4.04 -36.06 33.74
N LEU B 42 2.97 -35.30 33.47
CA LEU B 42 1.96 -35.00 34.49
C LEU B 42 1.21 -36.24 34.93
N ARG B 43 0.94 -37.14 33.99
CA ARG B 43 0.23 -38.37 34.27
C ARG B 43 1.11 -39.36 35.05
N ASP B 52 8.31 -29.67 39.49
CA ASP B 52 7.12 -29.04 40.03
C ASP B 52 6.04 -29.10 38.94
N GLU B 53 5.10 -30.02 39.13
CA GLU B 53 3.89 -30.10 38.32
C GLU B 53 3.27 -28.72 38.10
N ALA B 54 3.11 -27.97 39.19
CA ALA B 54 2.38 -26.71 39.11
C ALA B 54 2.98 -25.78 38.04
N GLN B 55 4.28 -25.46 38.11
CA GLN B 55 4.93 -24.65 37.06
C GLN B 55 5.15 -25.43 35.77
N LEU B 56 5.54 -26.71 35.84
CA LEU B 56 5.52 -27.61 34.66
C LEU B 56 4.34 -27.31 33.73
N LEU B 57 3.20 -26.99 34.33
CA LEU B 57 1.97 -26.67 33.61
C LEU B 57 1.92 -25.31 32.86
N GLN B 58 2.62 -24.26 33.32
CA GLN B 58 2.68 -22.97 32.59
C GLN B 58 3.95 -22.79 31.73
N GLU B 59 4.94 -23.70 31.79
CA GLU B 59 5.90 -23.70 30.69
C GLU B 59 5.12 -24.24 29.50
N TRP B 60 4.09 -25.01 29.83
CA TRP B 60 3.14 -25.51 28.83
C TRP B 60 2.19 -24.40 28.43
N PHE B 61 1.90 -23.45 29.34
CA PHE B 61 1.15 -22.24 28.94
C PHE B 61 1.96 -21.43 27.95
N LYS B 62 3.22 -21.20 28.29
CA LYS B 62 4.13 -20.45 27.44
C LYS B 62 4.16 -21.06 26.04
N LEU B 63 4.15 -22.38 26.00
CA LEU B 63 4.11 -23.11 24.74
C LEU B 63 2.83 -22.84 23.97
N VAL B 64 1.70 -22.98 24.65
CA VAL B 64 0.39 -22.79 24.04
C VAL B 64 0.28 -21.42 23.39
N LEU B 65 0.82 -20.39 24.06
CA LEU B 65 0.79 -19.04 23.52
C LEU B 65 1.71 -18.91 22.30
N GLU B 66 2.83 -19.63 22.33
CA GLU B 66 3.76 -19.63 21.21
C GLU B 66 3.18 -20.41 20.03
N LYS B 67 2.54 -21.54 20.33
CA LYS B 67 1.88 -22.34 19.30
C LYS B 67 0.80 -21.51 18.62
N ASN B 68 0.14 -20.66 19.41
CA ASN B 68 -0.83 -19.74 18.89
C ASN B 68 -0.18 -18.74 17.93
N LYS B 69 0.95 -18.18 18.34
CA LYS B 69 1.68 -17.22 17.51
C LYS B 69 2.09 -17.80 16.16
N LEU B 70 2.49 -19.07 16.17
CA LEU B 70 2.88 -19.78 14.95
C LEU B 70 1.74 -19.88 13.95
N MET B 71 0.53 -20.16 14.45
CA MET B 71 -0.65 -20.29 13.59
C MET B 71 -1.01 -18.95 12.96
N ARG B 72 -0.85 -17.89 13.73
CA ARG B 72 -1.12 -16.54 13.27
C ARG B 72 -0.20 -16.18 12.10
N TYR B 73 1.08 -16.50 12.26
CA TYR B 73 2.08 -16.18 11.25
C TYR B 73 1.91 -17.06 10.01
N GLU B 74 1.59 -18.34 10.24
CA GLU B 74 1.32 -19.28 9.15
C GLU B 74 0.19 -18.79 8.27
N SER B 75 -0.87 -18.30 8.90
CA SER B 75 -2.00 -17.75 8.16
C SER B 75 -1.59 -16.55 7.32
N GLU B 76 -0.72 -15.72 7.88
CA GLU B 76 -0.24 -14.52 7.20
C GLU B 76 0.66 -14.91 6.03
N LEU B 77 1.53 -15.89 6.26
CA LEU B 77 2.46 -16.35 5.23
C LEU B 77 1.73 -16.95 4.03
N LEU B 78 0.67 -17.72 4.29
CA LEU B 78 -0.09 -18.34 3.21
C LEU B 78 -0.79 -17.30 2.34
N ILE B 79 -1.35 -16.29 2.98
CA ILE B 79 -1.97 -15.18 2.27
C ILE B 79 -0.91 -14.37 1.52
N MET B 80 0.25 -14.18 2.13
CA MET B 80 1.35 -13.44 1.50
C MET B 80 1.76 -14.07 0.17
N ALA B 81 1.79 -15.39 0.12
CA ALA B 81 2.16 -16.12 -1.09
C ALA B 81 1.12 -15.93 -2.18
N GLN B 82 -0.14 -15.77 -1.79
CA GLN B 82 -1.22 -15.53 -2.74
C GLN B 82 -1.12 -14.13 -3.34
N GLU B 83 -0.70 -13.17 -2.54
CA GLU B 83 -0.56 -11.78 -3.00
C GLU B 83 0.46 -11.68 -4.12
N LEU B 84 1.60 -12.34 -3.95
CA LEU B 84 2.67 -12.28 -4.94
C LEU B 84 2.24 -12.86 -6.28
N GLU B 85 1.48 -13.95 -6.25
CA GLU B 85 1.01 -14.58 -7.46
C GLU B 85 0.02 -13.67 -8.19
N LEU B 86 -0.80 -12.95 -7.42
CA LEU B 86 -1.71 -11.96 -7.99
C LEU B 86 -0.93 -10.77 -8.55
N GLU B 87 0.16 -10.41 -7.90
CA GLU B 87 1.04 -9.33 -8.37
C GLU B 87 1.73 -9.75 -9.67
N ASP B 88 2.00 -11.05 -9.78
CA ASP B 88 2.63 -11.58 -10.97
C ASP B 88 1.64 -11.54 -12.14
N HIS B 89 0.42 -11.99 -11.88
CA HIS B 89 -0.63 -11.97 -12.88
C HIS B 89 -0.96 -10.54 -13.31
N GLN B 90 -0.86 -9.60 -12.37
CA GLN B 90 -1.18 -8.20 -12.64
C GLN B 90 -0.20 -7.52 -13.59
N SER B 91 1.10 -7.79 -13.42
CA SER B 91 2.13 -7.29 -14.32
C SER B 91 1.93 -7.79 -15.74
N ARG B 92 1.64 -9.08 -15.87
CA ARG B 92 1.43 -9.69 -17.18
C ARG B 92 0.25 -9.05 -17.88
N LEU B 93 -0.83 -8.87 -17.14
CA LEU B 93 -2.01 -8.20 -17.67
C LEU B 93 -1.72 -6.76 -18.03
N GLU B 94 -0.91 -6.10 -17.20
CA GLU B 94 -0.58 -4.69 -17.43
C GLU B 94 0.25 -4.50 -18.69
N GLN B 95 1.19 -5.41 -18.93
CA GLN B 95 2.03 -5.31 -20.12
C GLN B 95 1.22 -5.67 -21.36
N LYS B 96 0.30 -6.62 -21.21
CA LYS B 96 -0.54 -7.06 -22.33
C LYS B 96 -1.49 -5.94 -22.74
N LEU B 97 -1.81 -5.06 -21.79
CA LEU B 97 -2.72 -3.96 -22.03
C LEU B 97 -2.04 -2.78 -22.71
N ARG B 98 -0.80 -2.50 -22.33
CA ARG B 98 -0.07 -1.37 -22.89
C ARG B 98 0.35 -1.63 -24.34
N GLU B 99 0.58 -2.89 -24.67
CA GLU B 99 0.90 -3.27 -26.04
C GLU B 99 -0.26 -2.93 -26.97
N LYS B 100 -1.46 -3.31 -26.57
CA LYS B 100 -2.66 -3.01 -27.34
C LYS B 100 -2.97 -1.51 -27.34
N MET B 101 -2.74 -0.87 -26.21
CA MET B 101 -3.03 0.54 -26.02
C MET B 101 -2.23 1.45 -26.94
N LEU B 102 -0.95 1.14 -27.14
CA LEU B 102 -0.05 2.02 -27.87
C LEU B 102 -0.31 2.03 -29.37
N LYS B 103 -0.85 0.93 -29.89
CA LYS B 103 -1.14 0.81 -31.32
C LYS B 103 -2.06 1.94 -31.77
N GLU B 104 -1.83 2.44 -32.98
CA GLU B 104 -2.56 3.59 -33.50
C GLU B 104 -4.07 3.39 -33.48
N GLU B 105 -4.79 4.41 -33.00
CA GLU B 105 -6.24 4.39 -32.98
C GLU B 105 -6.82 4.24 -34.38
N SER B 106 -6.05 4.67 -35.37
CA SER B 106 -6.45 4.58 -36.77
C SER B 106 -6.62 3.14 -37.20
N GLN B 107 -5.82 2.25 -36.61
CA GLN B 107 -5.76 0.86 -37.05
C GLN B 107 -6.43 -0.12 -36.07
N LYS B 108 -7.28 0.41 -35.18
CA LYS B 108 -7.98 -0.41 -34.20
C LYS B 108 -9.34 -0.88 -34.71
N ASP B 109 -9.49 -2.21 -34.75
CA ASP B 109 -10.74 -2.87 -35.13
C ASP B 109 -11.57 -2.97 -33.86
N GLU B 110 -12.87 -3.22 -34.01
CA GLU B 110 -13.75 -3.50 -32.88
C GLU B 110 -13.19 -4.64 -32.03
N LYS B 111 -12.62 -5.64 -32.69
CA LYS B 111 -11.97 -6.74 -31.99
C LYS B 111 -10.79 -6.22 -31.16
N ASP B 112 -10.04 -5.29 -31.75
CA ASP B 112 -8.90 -4.69 -31.06
C ASP B 112 -9.34 -3.83 -29.87
N LEU B 113 -10.51 -3.21 -30.00
CA LEU B 113 -11.07 -2.42 -28.90
C LEU B 113 -11.65 -3.33 -27.82
N ASN B 114 -12.34 -4.39 -28.24
CA ASN B 114 -12.94 -5.32 -27.29
C ASN B 114 -11.89 -5.99 -26.40
N GLU B 115 -10.95 -6.68 -27.02
CA GLU B 115 -9.89 -7.37 -26.28
C GLU B 115 -9.07 -6.41 -25.43
N GLU B 116 -8.96 -5.16 -25.86
CA GLU B 116 -8.32 -4.13 -25.05
C GLU B 116 -9.15 -3.84 -23.80
N GLN B 117 -10.47 -3.96 -23.93
CA GLN B 117 -11.39 -3.72 -22.82
C GLN B 117 -11.48 -4.92 -21.86
N GLU B 118 -11.45 -6.14 -22.39
CA GLU B 118 -11.50 -7.34 -21.56
C GLU B 118 -10.24 -7.55 -20.73
N VAL B 119 -9.08 -7.11 -21.23
CA VAL B 119 -7.86 -7.18 -20.43
C VAL B 119 -7.93 -6.15 -19.30
N PHE B 120 -8.37 -4.94 -19.63
CA PHE B 120 -8.56 -3.89 -18.62
C PHE B 120 -9.50 -4.35 -17.52
N THR B 121 -10.61 -4.95 -17.92
CA THR B 121 -11.54 -5.57 -16.98
C THR B 121 -10.83 -6.61 -16.11
N GLU B 122 -10.15 -7.55 -16.76
CA GLU B 122 -9.41 -8.59 -16.06
C GLU B 122 -8.31 -8.00 -15.16
N LEU B 123 -7.76 -6.87 -15.59
CA LEU B 123 -6.73 -6.20 -14.82
C LEU B 123 -7.27 -5.62 -13.52
N MET B 124 -8.43 -4.98 -13.59
CA MET B 124 -9.03 -4.35 -12.42
C MET B 124 -9.54 -5.40 -11.43
N GLN B 125 -9.78 -6.61 -11.91
CA GLN B 125 -10.26 -7.69 -11.06
C GLN B 125 -9.18 -8.20 -10.10
N VAL B 126 -7.96 -8.37 -10.61
CA VAL B 126 -6.89 -8.88 -9.76
C VAL B 126 -6.52 -7.82 -8.72
N ILE B 127 -6.77 -6.55 -9.04
CA ILE B 127 -6.54 -5.47 -8.09
C ILE B 127 -7.60 -5.50 -6.99
N GLU B 128 -8.82 -5.85 -7.37
CA GLU B 128 -9.89 -6.03 -6.39
C GLU B 128 -9.63 -7.28 -5.54
N GLN B 129 -9.11 -8.33 -6.18
CA GLN B 129 -8.72 -9.54 -5.47
C GLN B 129 -7.58 -9.25 -4.48
N ARG B 130 -6.66 -8.40 -4.88
CA ARG B 130 -5.56 -8.03 -3.99
C ARG B 130 -6.07 -7.27 -2.78
N ASP B 131 -7.09 -6.44 -3.00
CA ASP B 131 -7.66 -5.64 -1.93
C ASP B 131 -8.43 -6.52 -0.93
N LYS B 132 -9.00 -7.60 -1.42
CA LYS B 132 -9.71 -8.55 -0.56
C LYS B 132 -8.76 -9.25 0.40
N LEU B 133 -7.56 -9.55 -0.08
CA LEU B 133 -6.55 -10.19 0.76
C LEU B 133 -6.07 -9.23 1.85
N VAL B 134 -6.03 -7.94 1.52
CA VAL B 134 -5.64 -6.92 2.48
C VAL B 134 -6.65 -6.83 3.62
N ASP B 135 -7.93 -6.83 3.26
CA ASP B 135 -9.01 -6.81 4.24
C ASP B 135 -9.04 -8.08 5.08
N SER B 136 -8.76 -9.21 4.43
CA SER B 136 -8.73 -10.51 5.10
C SER B 136 -7.72 -10.54 6.25
N LEU B 137 -6.56 -9.94 6.01
CA LEU B 137 -5.54 -9.83 7.05
C LEU B 137 -5.99 -8.94 8.20
N GLU B 138 -6.76 -7.90 7.87
CA GLU B 138 -7.25 -6.97 8.89
C GLU B 138 -8.31 -7.63 9.77
N GLU B 139 -9.15 -8.46 9.16
CA GLU B 139 -10.20 -9.15 9.88
C GLU B 139 -9.63 -10.21 10.80
N GLN B 140 -8.52 -10.81 10.41
CA GLN B 140 -7.86 -11.75 11.29
C GLN B 140 -7.26 -10.95 12.44
N ARG B 141 -6.52 -9.89 12.12
CA ARG B 141 -5.91 -9.03 13.14
C ARG B 141 -6.87 -8.60 14.26
N ILE B 142 -8.10 -8.22 13.89
CA ILE B 142 -9.06 -7.76 14.89
C ILE B 142 -9.55 -8.93 15.75
N ARG B 143 -9.56 -10.13 15.18
CA ARG B 143 -9.97 -11.32 15.92
C ARG B 143 -8.93 -11.69 16.97
N GLU B 144 -7.67 -11.61 16.58
CA GLU B 144 -6.55 -12.00 17.43
C GLU B 144 -6.24 -10.96 18.51
N LYS B 145 -6.57 -9.70 18.24
CA LYS B 145 -6.50 -8.66 19.26
C LYS B 145 -7.61 -8.89 20.29
N ALA B 146 -8.77 -9.33 19.81
CA ALA B 146 -9.89 -9.65 20.67
C ALA B 146 -9.55 -10.83 21.57
N GLU B 147 -8.98 -11.88 20.97
CA GLU B 147 -8.52 -13.04 21.72
C GLU B 147 -7.46 -12.65 22.74
N ASP B 148 -6.48 -11.87 22.28
CA ASP B 148 -5.37 -11.45 23.12
C ASP B 148 -5.82 -10.71 24.37
N GLN B 149 -6.79 -9.82 24.21
CA GLN B 149 -7.31 -9.04 25.33
C GLN B 149 -7.91 -9.95 26.39
N HIS B 150 -8.72 -10.91 25.95
CA HIS B 150 -9.34 -11.87 26.86
C HIS B 150 -8.29 -12.80 27.49
N PHE B 151 -7.37 -13.29 26.65
CA PHE B 151 -6.32 -14.20 27.10
C PHE B 151 -5.43 -13.55 28.15
N GLU B 152 -5.27 -12.23 28.05
CA GLU B 152 -4.54 -11.46 29.04
C GLU B 152 -5.45 -10.43 29.68
N SER B 153 -6.47 -10.88 30.40
CA SER B 153 -7.44 -9.97 30.99
C SER B 153 -7.08 -9.63 32.43
#